data_4IKE
#
_entry.id   4IKE
#
_cell.length_a   56.370
_cell.length_b   61.570
_cell.length_c   58.890
_cell.angle_alpha   90.00
_cell.angle_beta   94.33
_cell.angle_gamma   90.00
#
_symmetry.space_group_name_H-M   'P 1 21 1'
#
loop_
_entity.id
_entity.type
_entity.pdbx_description
1 polymer 'Adenylate kinase'
2 non-polymer 'ADENOSINE MONOPHOSPHATE'
3 non-polymer "ADENOSINE-5'-DIPHOSPHATE"
4 water water
#
_entity_poly.entity_id   1
_entity_poly.type   'polypeptide(L)'
_entity_poly.pdbx_seq_one_letter_code
;MILVFLGPPGAGKGTQAKRLAKEKGFVHISTGDILREAVQKGTPLGKKAKEYMERGELVPDDLIIALIEEVFPKHGNVIF
DGFPRTVKQAEALDEMLEKKGLKVDHVLLFEVPDEVVIERLSGRRINPETGEVYHVKYNPPPPGVKVIQREDDKPEVIKK
RLEVYREQTAPLIEYYKKKGILRIIDASKPVEEVYRQVLEVIGDGN
;
_entity_poly.pdbx_strand_id   A,B
#
loop_
_chem_comp.id
_chem_comp.type
_chem_comp.name
_chem_comp.formula
ADP non-polymer ADENOSINE-5'-DIPHOSPHATE 'C10 H15 N5 O10 P2'
AMP non-polymer 'ADENOSINE MONOPHOSPHATE' 'C10 H14 N5 O7 P'
#
# COMPACT_ATOMS: atom_id res chain seq x y z
N MET A 1 -8.82 20.51 -11.91
CA MET A 1 -10.15 20.01 -11.58
C MET A 1 -10.11 18.56 -11.15
N ILE A 2 -10.75 18.27 -10.02
CA ILE A 2 -10.87 16.92 -9.49
C ILE A 2 -12.34 16.52 -9.38
N LEU A 3 -12.67 15.41 -10.03
CA LEU A 3 -14.04 14.90 -10.08
C LEU A 3 -14.13 13.56 -9.37
N VAL A 4 -15.28 13.30 -8.76
CA VAL A 4 -15.59 11.97 -8.21
C VAL A 4 -16.86 11.51 -8.86
N PHE A 5 -16.83 10.29 -9.39
CA PHE A 5 -18.03 9.64 -9.90
C PHE A 5 -18.51 8.65 -8.86
N LEU A 6 -19.77 8.79 -8.46
CA LEU A 6 -20.34 8.03 -7.36
C LEU A 6 -21.64 7.38 -7.83
N GLY A 7 -21.84 6.12 -7.49
CA GLY A 7 -23.07 5.44 -7.88
C GLY A 7 -22.96 3.93 -7.86
N PRO A 8 -24.09 3.23 -8.03
CA PRO A 8 -24.10 1.77 -7.98
C PRO A 8 -23.26 1.17 -9.10
N PRO A 9 -22.78 -0.06 -8.90
CA PRO A 9 -22.15 -0.79 -10.00
C PRO A 9 -23.11 -0.87 -11.19
N GLY A 10 -22.59 -0.75 -12.41
CA GLY A 10 -23.40 -0.78 -13.61
C GLY A 10 -24.06 0.54 -14.00
N ALA A 11 -23.84 1.59 -13.22
CA ALA A 11 -24.45 2.89 -13.52
C ALA A 11 -23.87 3.56 -14.77
N GLY A 12 -22.69 3.13 -15.21
CA GLY A 12 -22.03 3.70 -16.37
C GLY A 12 -20.89 4.66 -16.05
N LYS A 13 -20.36 4.57 -14.83
CA LYS A 13 -19.30 5.47 -14.38
C LYS A 13 -18.01 5.31 -15.18
N GLY A 14 -17.58 4.07 -15.38
CA GLY A 14 -16.36 3.80 -16.14
C GLY A 14 -16.47 4.27 -17.58
N THR A 15 -17.62 4.00 -18.18
CA THR A 15 -17.87 4.40 -19.55
C THR A 15 -17.75 5.92 -19.72
N GLN A 16 -18.36 6.67 -18.82
CA GLN A 16 -18.28 8.12 -18.89
C GLN A 16 -16.88 8.63 -18.54
N ALA A 17 -16.26 8.02 -17.55
CA ALA A 17 -14.91 8.44 -17.16
C ALA A 17 -13.90 8.26 -18.31
N LYS A 18 -13.99 7.13 -19.00
CA LYS A 18 -13.08 6.90 -20.12
C LYS A 18 -13.26 7.92 -21.25
N ARG A 19 -14.52 8.25 -21.53
CA ARG A 19 -14.77 9.21 -22.59
C ARG A 19 -14.30 10.61 -22.23
N LEU A 20 -14.53 11.00 -20.97
CA LEU A 20 -14.12 12.30 -20.50
C LEU A 20 -12.59 12.40 -20.51
N ALA A 21 -11.92 11.32 -20.13
CA ALA A 21 -10.46 11.29 -20.13
C ALA A 21 -9.90 11.39 -21.55
N LYS A 22 -10.53 10.69 -22.48
CA LYS A 22 -10.08 10.70 -23.86
C LYS A 22 -10.33 12.06 -24.53
N GLU A 23 -11.52 12.60 -24.34
CA GLU A 23 -11.91 13.81 -25.06
C GLU A 23 -11.51 15.12 -24.37
N LYS A 24 -11.43 15.11 -23.04
CA LYS A 24 -11.19 16.34 -22.29
C LYS A 24 -9.89 16.32 -21.50
N GLY A 25 -9.06 15.29 -21.71
CA GLY A 25 -7.71 15.25 -21.17
C GLY A 25 -7.52 14.89 -19.70
N PHE A 26 -8.58 14.45 -19.03
CA PHE A 26 -8.50 14.06 -17.61
C PHE A 26 -7.64 12.81 -17.41
N VAL A 27 -7.00 12.73 -16.25
CA VAL A 27 -6.37 11.50 -15.81
C VAL A 27 -7.47 10.64 -15.16
N HIS A 28 -7.69 9.43 -15.68
CA HIS A 28 -8.74 8.55 -15.17
C HIS A 28 -8.15 7.58 -14.16
N ILE A 29 -8.56 7.72 -12.90
N ILE A 29 -8.56 7.71 -12.90
CA ILE A 29 -8.17 6.79 -11.84
CA ILE A 29 -8.14 6.77 -11.87
C ILE A 29 -9.36 5.90 -11.51
C ILE A 29 -9.31 5.88 -11.46
N SER A 30 -9.30 4.65 -11.98
CA SER A 30 -10.33 3.67 -11.69
C SER A 30 -9.76 2.64 -10.73
N THR A 31 -10.21 2.66 -9.47
CA THR A 31 -9.71 1.69 -8.52
C THR A 31 -10.07 0.26 -8.95
N GLY A 32 -11.23 0.08 -9.59
CA GLY A 32 -11.57 -1.21 -10.15
C GLY A 32 -10.57 -1.73 -11.17
N ASP A 33 -10.21 -0.89 -12.15
CA ASP A 33 -9.27 -1.30 -13.19
C ASP A 33 -7.89 -1.57 -12.61
N ILE A 34 -7.45 -0.71 -11.70
CA ILE A 34 -6.15 -0.86 -11.06
C ILE A 34 -6.08 -2.14 -10.24
N LEU A 35 -7.15 -2.42 -9.49
CA LEU A 35 -7.20 -3.64 -8.70
C LEU A 35 -7.24 -4.89 -9.57
N ARG A 36 -8.03 -4.85 -10.64
CA ARG A 36 -8.11 -6.02 -11.51
C ARG A 36 -6.76 -6.34 -12.13
N GLU A 37 -6.01 -5.30 -12.49
CA GLU A 37 -4.67 -5.48 -13.04
C GLU A 37 -3.70 -6.04 -12.00
N ALA A 38 -3.82 -5.55 -10.77
CA ALA A 38 -3.00 -6.04 -9.67
C ALA A 38 -3.26 -7.51 -9.41
N VAL A 39 -4.52 -7.92 -9.45
CA VAL A 39 -4.88 -9.33 -9.30
C VAL A 39 -4.27 -10.18 -10.42
N GLN A 40 -4.37 -9.71 -11.66
N GLN A 40 -4.40 -9.71 -11.66
CA GLN A 40 -3.80 -10.44 -12.81
CA GLN A 40 -3.81 -10.38 -12.82
C GLN A 40 -2.28 -10.54 -12.72
C GLN A 40 -2.31 -10.56 -12.63
N LYS A 41 -1.64 -9.49 -12.21
CA LYS A 41 -0.18 -9.48 -12.08
C LYS A 41 0.32 -10.20 -10.83
N GLY A 42 -0.57 -10.44 -9.87
CA GLY A 42 -0.22 -11.12 -8.64
C GLY A 42 0.68 -10.33 -7.71
N THR A 43 0.50 -9.01 -7.69
CA THR A 43 1.26 -8.14 -6.80
C THR A 43 0.77 -8.32 -5.37
N PRO A 44 1.51 -7.77 -4.39
CA PRO A 44 1.00 -7.93 -3.02
C PRO A 44 -0.40 -7.33 -2.81
N LEU A 45 -0.68 -6.18 -3.42
CA LEU A 45 -2.03 -5.63 -3.39
C LEU A 45 -3.01 -6.60 -4.05
N GLY A 46 -2.65 -7.11 -5.23
CA GLY A 46 -3.53 -7.99 -5.98
C GLY A 46 -3.89 -9.25 -5.23
N LYS A 47 -2.88 -9.91 -4.68
CA LYS A 47 -3.13 -11.16 -3.99
C LYS A 47 -4.05 -10.95 -2.78
N LYS A 48 -3.87 -9.84 -2.09
N LYS A 48 -3.87 -9.84 -2.08
CA LYS A 48 -4.67 -9.53 -0.92
CA LYS A 48 -4.70 -9.56 -0.91
C LYS A 48 -6.08 -9.09 -1.29
C LYS A 48 -6.10 -9.11 -1.30
N ALA A 49 -6.21 -8.33 -2.37
CA ALA A 49 -7.50 -7.79 -2.80
C ALA A 49 -8.44 -8.85 -3.39
N LYS A 50 -7.85 -9.89 -3.96
CA LYS A 50 -8.57 -10.84 -4.82
C LYS A 50 -9.81 -11.40 -4.17
N GLU A 51 -9.67 -11.87 -2.94
CA GLU A 51 -10.78 -12.57 -2.32
C GLU A 51 -11.93 -11.63 -1.96
N TYR A 52 -11.63 -10.37 -1.62
CA TYR A 52 -12.70 -9.41 -1.37
C TYR A 52 -13.48 -9.18 -2.65
N MET A 53 -12.75 -8.90 -3.73
CA MET A 53 -13.37 -8.64 -5.03
C MET A 53 -14.25 -9.79 -5.50
N GLU A 54 -13.75 -11.01 -5.33
CA GLU A 54 -14.46 -12.19 -5.79
C GLU A 54 -15.78 -12.36 -5.05
N ARG A 55 -15.82 -11.94 -3.80
CA ARG A 55 -17.02 -12.01 -2.98
C ARG A 55 -17.95 -10.80 -3.15
N GLY A 56 -17.50 -9.82 -3.92
CA GLY A 56 -18.27 -8.60 -4.11
C GLY A 56 -18.18 -7.64 -2.94
N GLU A 57 -17.20 -7.86 -2.06
CA GLU A 57 -16.95 -6.96 -0.93
C GLU A 57 -15.96 -5.89 -1.31
N LEU A 58 -15.97 -4.79 -0.58
CA LEU A 58 -14.93 -3.79 -0.75
C LEU A 58 -13.58 -4.29 -0.24
N VAL A 59 -12.54 -3.97 -1.00
CA VAL A 59 -11.18 -4.15 -0.51
C VAL A 59 -10.99 -3.20 0.70
N PRO A 60 -10.28 -3.66 1.75
CA PRO A 60 -10.10 -2.82 2.94
C PRO A 60 -9.55 -1.42 2.67
N ASP A 61 -10.07 -0.45 3.43
CA ASP A 61 -9.72 0.94 3.27
C ASP A 61 -8.21 1.20 3.27
N ASP A 62 -7.46 0.56 4.16
N ASP A 62 -7.47 0.57 4.17
CA ASP A 62 -6.05 0.89 4.26
CA ASP A 62 -6.03 0.86 4.26
C ASP A 62 -5.22 0.48 3.04
C ASP A 62 -5.33 0.61 2.94
N LEU A 63 -5.72 -0.48 2.27
CA LEU A 63 -5.05 -0.87 1.04
C LEU A 63 -5.36 0.13 -0.06
N ILE A 64 -6.61 0.57 -0.09
CA ILE A 64 -7.07 1.50 -1.12
C ILE A 64 -6.50 2.90 -0.93
N ILE A 65 -6.45 3.35 0.32
CA ILE A 65 -5.89 4.67 0.61
C ILE A 65 -4.43 4.71 0.19
N ALA A 66 -3.67 3.67 0.52
CA ALA A 66 -2.27 3.61 0.09
C ALA A 66 -2.15 3.64 -1.43
N LEU A 67 -2.98 2.86 -2.11
CA LEU A 67 -3.00 2.84 -3.56
C LEU A 67 -3.19 4.24 -4.14
N ILE A 68 -4.20 4.96 -3.65
CA ILE A 68 -4.52 6.28 -4.18
C ILE A 68 -3.37 7.27 -3.88
N GLU A 69 -2.78 7.18 -2.69
CA GLU A 69 -1.64 8.03 -2.37
C GLU A 69 -0.51 7.77 -3.33
N GLU A 70 -0.33 6.51 -3.72
CA GLU A 70 0.78 6.17 -4.62
C GLU A 70 0.56 6.64 -6.03
N VAL A 71 -0.70 6.60 -6.50
CA VAL A 71 -0.96 6.88 -7.91
C VAL A 71 -1.53 8.26 -8.22
N PHE A 72 -1.86 9.04 -7.19
CA PHE A 72 -2.42 10.36 -7.46
C PHE A 72 -1.42 11.23 -8.21
N PRO A 73 -1.82 11.76 -9.37
CA PRO A 73 -0.87 12.51 -10.21
C PRO A 73 -0.47 13.86 -9.62
N LYS A 74 0.77 14.26 -9.84
CA LYS A 74 1.29 15.53 -9.37
C LYS A 74 0.55 16.69 -10.05
N HIS A 75 0.20 16.49 -11.31
CA HIS A 75 -0.49 17.50 -12.09
C HIS A 75 -1.58 16.87 -12.95
N GLY A 76 -2.47 17.71 -13.48
CA GLY A 76 -3.52 17.24 -14.37
C GLY A 76 -4.87 17.24 -13.67
N ASN A 77 -5.92 17.28 -14.48
CA ASN A 77 -7.27 17.11 -13.98
C ASN A 77 -7.48 15.64 -13.75
N VAL A 78 -8.29 15.29 -12.75
CA VAL A 78 -8.43 13.89 -12.35
C VAL A 78 -9.89 13.50 -12.21
N ILE A 79 -10.23 12.32 -12.72
CA ILE A 79 -11.51 11.70 -12.43
C ILE A 79 -11.28 10.49 -11.55
N PHE A 80 -11.80 10.56 -10.33
CA PHE A 80 -11.81 9.41 -9.44
C PHE A 80 -13.07 8.64 -9.74
N ASP A 81 -12.87 7.42 -10.21
CA ASP A 81 -13.94 6.63 -10.76
C ASP A 81 -14.10 5.38 -9.90
N GLY A 82 -15.08 5.42 -9.00
CA GLY A 82 -15.28 4.31 -8.07
C GLY A 82 -14.42 4.46 -6.82
N PHE A 83 -13.87 5.66 -6.62
CA PHE A 83 -13.20 6.00 -5.37
C PHE A 83 -13.57 7.45 -5.08
N PRO A 84 -13.87 7.78 -3.81
CA PRO A 84 -13.95 6.88 -2.64
C PRO A 84 -15.22 6.02 -2.65
N ARG A 85 -15.20 4.93 -1.90
CA ARG A 85 -16.34 4.02 -1.77
C ARG A 85 -16.81 3.92 -0.34
N THR A 86 -16.08 4.51 0.60
CA THR A 86 -16.49 4.55 2.00
C THR A 86 -16.23 5.94 2.55
N VAL A 87 -16.84 6.27 3.68
CA VAL A 87 -16.59 7.54 4.35
C VAL A 87 -15.11 7.70 4.75
N LYS A 88 -14.49 6.64 5.24
CA LYS A 88 -13.07 6.74 5.62
C LYS A 88 -12.20 7.04 4.41
N GLN A 89 -12.56 6.46 3.28
CA GLN A 89 -11.83 6.78 2.05
C GLN A 89 -12.02 8.24 1.66
N ALA A 90 -13.24 8.75 1.80
CA ALA A 90 -13.53 10.16 1.48
C ALA A 90 -12.77 11.13 2.38
N GLU A 91 -12.71 10.81 3.67
CA GLU A 91 -11.96 11.61 4.62
C GLU A 91 -10.48 11.61 4.26
N ALA A 92 -9.95 10.43 3.94
CA ALA A 92 -8.55 10.34 3.52
C ALA A 92 -8.28 11.13 2.26
N LEU A 93 -9.20 11.08 1.29
CA LEU A 93 -9.03 11.84 0.05
C LEU A 93 -8.98 13.34 0.31
N ASP A 94 -9.88 13.80 1.17
CA ASP A 94 -9.92 15.22 1.51
C ASP A 94 -8.58 15.65 2.10
N GLU A 95 -8.02 14.83 2.97
CA GLU A 95 -6.76 15.18 3.62
C GLU A 95 -5.60 15.17 2.64
N MET A 96 -5.59 14.18 1.75
N MET A 96 -5.57 14.16 1.75
CA MET A 96 -4.55 14.09 0.73
CA MET A 96 -4.56 14.11 0.71
C MET A 96 -4.57 15.32 -0.18
C MET A 96 -4.58 15.38 -0.10
N LEU A 97 -5.78 15.76 -0.52
CA LEU A 97 -5.94 16.93 -1.39
C LEU A 97 -5.55 18.22 -0.69
N GLU A 98 -5.98 18.38 0.56
CA GLU A 98 -5.62 19.54 1.38
C GLU A 98 -4.11 19.74 1.38
N LYS A 99 -3.37 18.66 1.58
CA LYS A 99 -1.92 18.76 1.66
C LYS A 99 -1.31 19.22 0.34
N LYS A 100 -2.05 19.07 -0.75
CA LYS A 100 -1.58 19.51 -2.06
C LYS A 100 -2.22 20.82 -2.49
N GLY A 101 -2.98 21.45 -1.59
CA GLY A 101 -3.70 22.66 -1.92
C GLY A 101 -4.85 22.48 -2.91
N LEU A 102 -5.37 21.24 -2.99
CA LEU A 102 -6.44 20.91 -3.94
C LEU A 102 -7.70 20.54 -3.19
N LYS A 103 -8.75 20.19 -3.93
CA LYS A 103 -10.00 19.80 -3.31
C LYS A 103 -10.82 19.07 -4.34
N VAL A 104 -11.81 18.31 -3.90
CA VAL A 104 -12.77 17.73 -4.83
C VAL A 104 -13.67 18.86 -5.33
N ASP A 105 -13.76 19.01 -6.65
CA ASP A 105 -14.53 20.10 -7.22
C ASP A 105 -15.99 19.76 -7.49
N HIS A 106 -16.24 18.55 -7.98
CA HIS A 106 -17.60 18.11 -8.24
C HIS A 106 -17.70 16.64 -7.94
N VAL A 107 -18.81 16.24 -7.33
CA VAL A 107 -19.13 14.84 -7.16
C VAL A 107 -20.40 14.58 -7.92
N LEU A 108 -20.34 13.63 -8.85
CA LEU A 108 -21.48 13.32 -9.69
C LEU A 108 -22.08 12.01 -9.23
N LEU A 109 -23.34 12.08 -8.78
CA LEU A 109 -24.08 10.89 -8.40
C LEU A 109 -24.78 10.36 -9.64
N PHE A 110 -24.41 9.15 -10.05
CA PHE A 110 -25.06 8.50 -11.18
C PHE A 110 -26.33 7.80 -10.68
N GLU A 111 -27.45 8.49 -10.81
CA GLU A 111 -28.71 8.01 -10.28
C GLU A 111 -29.42 7.11 -11.29
N VAL A 112 -29.71 5.88 -10.89
CA VAL A 112 -30.26 4.89 -11.81
C VAL A 112 -30.87 3.72 -11.01
N PRO A 113 -32.03 3.21 -11.46
CA PRO A 113 -32.68 2.14 -10.68
C PRO A 113 -31.98 0.78 -10.77
N ASP A 114 -32.24 -0.08 -9.78
CA ASP A 114 -31.62 -1.40 -9.69
C ASP A 114 -31.81 -2.29 -10.92
N GLU A 115 -33.03 -2.35 -11.45
CA GLU A 115 -33.26 -3.22 -12.59
C GLU A 115 -32.43 -2.81 -13.80
N VAL A 116 -32.14 -1.52 -13.91
CA VAL A 116 -31.29 -1.05 -15.02
C VAL A 116 -29.86 -1.52 -14.81
N VAL A 117 -29.30 -1.31 -13.62
CA VAL A 117 -27.91 -1.71 -13.43
C VAL A 117 -27.72 -3.23 -13.46
N ILE A 118 -28.75 -3.97 -13.06
CA ILE A 118 -28.68 -5.42 -13.10
C ILE A 118 -28.61 -5.96 -14.54
N GLU A 119 -29.38 -5.36 -15.44
CA GLU A 119 -29.31 -5.72 -16.86
C GLU A 119 -28.00 -5.27 -17.47
N ARG A 120 -27.49 -4.12 -17.05
CA ARG A 120 -26.24 -3.62 -17.60
C ARG A 120 -25.08 -4.52 -17.18
N LEU A 121 -25.09 -4.94 -15.92
CA LEU A 121 -24.03 -5.80 -15.41
C LEU A 121 -24.10 -7.22 -16.00
N SER A 122 -25.31 -7.77 -16.08
N SER A 122 -25.31 -7.77 -16.08
CA SER A 122 -25.50 -9.10 -16.64
CA SER A 122 -25.46 -9.13 -16.63
C SER A 122 -25.01 -9.20 -18.07
C SER A 122 -25.04 -9.22 -18.09
N GLY A 123 -25.15 -8.10 -18.82
CA GLY A 123 -24.80 -8.07 -20.23
C GLY A 123 -23.42 -7.52 -20.52
N ARG A 124 -22.69 -7.14 -19.48
CA ARG A 124 -21.35 -6.56 -19.66
C ARG A 124 -20.34 -7.59 -20.14
N ARG A 125 -19.55 -7.22 -21.14
CA ARG A 125 -18.48 -8.07 -21.64
C ARG A 125 -17.21 -7.25 -21.81
N ILE A 126 -16.05 -7.89 -21.66
CA ILE A 126 -14.76 -7.20 -21.80
C ILE A 126 -13.87 -7.86 -22.83
N ASN A 127 -13.22 -7.06 -23.68
CA ASN A 127 -12.15 -7.56 -24.53
C ASN A 127 -10.87 -7.63 -23.69
N PRO A 128 -10.42 -8.85 -23.35
CA PRO A 128 -9.27 -9.02 -22.44
C PRO A 128 -7.96 -8.49 -23.00
N GLU A 129 -7.90 -8.27 -24.32
CA GLU A 129 -6.66 -7.82 -24.94
C GLU A 129 -6.50 -6.31 -24.89
N THR A 130 -7.61 -5.59 -24.90
CA THR A 130 -7.59 -4.14 -24.92
C THR A 130 -8.19 -3.56 -23.64
N GLY A 131 -9.05 -4.33 -22.99
CA GLY A 131 -9.72 -3.88 -21.79
C GLY A 131 -11.05 -3.21 -22.10
N GLU A 132 -11.38 -3.12 -23.39
CA GLU A 132 -12.58 -2.41 -23.83
C GLU A 132 -13.87 -3.08 -23.32
N VAL A 133 -14.81 -2.24 -22.89
CA VAL A 133 -16.05 -2.72 -22.30
C VAL A 133 -17.21 -2.63 -23.30
N TYR A 134 -17.96 -3.73 -23.39
CA TYR A 134 -19.10 -3.83 -24.28
C TYR A 134 -20.36 -4.24 -23.50
N HIS A 135 -21.49 -4.25 -24.19
CA HIS A 135 -22.70 -4.80 -23.61
C HIS A 135 -23.41 -5.57 -24.71
N VAL A 136 -23.82 -6.80 -24.40
CA VAL A 136 -24.37 -7.68 -25.43
C VAL A 136 -25.55 -7.07 -26.19
N LYS A 137 -26.29 -6.20 -25.51
CA LYS A 137 -27.41 -5.52 -26.13
C LYS A 137 -27.11 -4.08 -26.54
N TYR A 138 -26.59 -3.29 -25.59
CA TYR A 138 -26.48 -1.85 -25.78
C TYR A 138 -25.25 -1.40 -26.53
N ASN A 139 -24.23 -2.27 -26.60
CA ASN A 139 -22.99 -1.96 -27.30
C ASN A 139 -22.22 -3.24 -27.60
N PRO A 140 -22.74 -4.04 -28.55
CA PRO A 140 -22.20 -5.38 -28.77
C PRO A 140 -20.76 -5.34 -29.25
N PRO A 141 -19.94 -6.31 -28.84
CA PRO A 141 -18.57 -6.38 -29.34
C PRO A 141 -18.61 -6.70 -30.82
N PRO A 142 -17.58 -6.28 -31.56
CA PRO A 142 -17.51 -6.60 -32.98
C PRO A 142 -17.46 -8.10 -33.22
N PRO A 143 -17.97 -8.56 -34.38
CA PRO A 143 -17.84 -9.98 -34.70
C PRO A 143 -16.36 -10.35 -34.74
N GLY A 144 -16.02 -11.55 -34.28
CA GLY A 144 -14.63 -11.97 -34.37
C GLY A 144 -13.73 -11.49 -33.23
N VAL A 145 -14.29 -10.70 -32.33
CA VAL A 145 -13.55 -10.28 -31.14
C VAL A 145 -13.95 -11.15 -29.95
N LYS A 146 -12.99 -11.88 -29.41
CA LYS A 146 -13.27 -12.71 -28.23
C LYS A 146 -13.43 -11.82 -27.01
N VAL A 147 -14.53 -12.02 -26.27
CA VAL A 147 -14.74 -11.27 -25.03
C VAL A 147 -14.98 -12.21 -23.86
N ILE A 148 -14.90 -11.66 -22.66
CA ILE A 148 -15.13 -12.45 -21.45
C ILE A 148 -16.17 -11.77 -20.58
N GLN A 149 -16.70 -12.52 -19.64
CA GLN A 149 -17.56 -11.95 -18.63
C GLN A 149 -16.79 -11.91 -17.31
N ARG A 150 -16.89 -10.79 -16.60
N ARG A 150 -16.89 -10.80 -16.59
CA ARG A 150 -16.29 -10.69 -15.28
CA ARG A 150 -16.25 -10.72 -15.30
C ARG A 150 -17.00 -11.64 -14.32
C ARG A 150 -16.99 -11.62 -14.32
N GLU A 151 -16.22 -12.32 -13.48
CA GLU A 151 -16.78 -13.26 -12.52
C GLU A 151 -17.67 -12.55 -11.52
N ASP A 152 -17.34 -11.30 -11.22
CA ASP A 152 -18.15 -10.55 -10.26
C ASP A 152 -19.41 -9.95 -10.91
N ASP A 153 -19.59 -10.17 -12.20
CA ASP A 153 -20.84 -9.79 -12.87
C ASP A 153 -21.86 -10.94 -12.88
N LYS A 154 -21.60 -12.00 -12.11
CA LYS A 154 -22.55 -13.09 -11.94
C LYS A 154 -23.66 -12.62 -11.01
N PRO A 155 -24.87 -13.17 -11.19
CA PRO A 155 -26.07 -12.73 -10.45
C PRO A 155 -25.89 -12.59 -8.94
N GLU A 156 -25.30 -13.59 -8.29
CA GLU A 156 -25.16 -13.56 -6.85
C GLU A 156 -24.13 -12.54 -6.37
N VAL A 157 -23.08 -12.36 -7.16
CA VAL A 157 -22.07 -11.37 -6.80
C VAL A 157 -22.59 -9.95 -7.07
N ILE A 158 -23.40 -9.79 -8.12
CA ILE A 158 -24.06 -8.52 -8.40
C ILE A 158 -24.91 -8.11 -7.20
N LYS A 159 -25.72 -9.04 -6.70
CA LYS A 159 -26.55 -8.79 -5.55
C LYS A 159 -25.73 -8.25 -4.36
N LYS A 160 -24.61 -8.91 -4.07
CA LYS A 160 -23.74 -8.49 -2.97
C LYS A 160 -23.17 -7.08 -3.20
N ARG A 161 -22.69 -6.82 -4.41
CA ARG A 161 -22.11 -5.52 -4.73
C ARG A 161 -23.12 -4.39 -4.55
N LEU A 162 -24.37 -4.65 -4.91
CA LEU A 162 -25.43 -3.67 -4.67
C LEU A 162 -25.72 -3.46 -3.18
N GLU A 163 -25.78 -4.56 -2.42
CA GLU A 163 -25.93 -4.46 -0.96
C GLU A 163 -24.81 -3.63 -0.35
N VAL A 164 -23.57 -3.89 -0.79
CA VAL A 164 -22.40 -3.18 -0.30
C VAL A 164 -22.49 -1.70 -0.66
N TYR A 165 -22.90 -1.40 -1.88
CA TYR A 165 -23.09 -0.01 -2.30
C TYR A 165 -24.08 0.72 -1.37
N ARG A 166 -25.23 0.11 -1.13
CA ARG A 166 -26.24 0.75 -0.31
C ARG A 166 -25.79 0.94 1.15
N GLU A 167 -25.01 0.00 1.66
N GLU A 167 -25.01 -0.01 1.66
CA GLU A 167 -24.57 0.04 3.05
CA GLU A 167 -24.57 0.04 3.05
C GLU A 167 -23.39 0.98 3.28
C GLU A 167 -23.40 1.00 3.26
N GLN A 168 -22.38 0.89 2.41
CA GLN A 168 -21.11 1.57 2.64
C GLN A 168 -20.84 2.79 1.80
N THR A 169 -21.38 2.81 0.58
CA THR A 169 -21.03 3.86 -0.37
C THR A 169 -22.09 4.96 -0.46
N ALA A 170 -23.37 4.56 -0.44
CA ALA A 170 -24.43 5.56 -0.44
C ALA A 170 -24.36 6.66 0.67
N PRO A 171 -23.78 6.35 1.85
CA PRO A 171 -23.57 7.45 2.82
C PRO A 171 -22.71 8.61 2.32
N LEU A 172 -21.97 8.40 1.24
CA LEU A 172 -21.16 9.48 0.67
C LEU A 172 -22.02 10.54 0.00
N ILE A 173 -23.25 10.19 -0.36
CA ILE A 173 -24.13 11.17 -0.99
C ILE A 173 -24.36 12.36 -0.04
N GLU A 174 -24.78 12.07 1.19
CA GLU A 174 -24.95 13.13 2.18
C GLU A 174 -23.62 13.80 2.54
N TYR A 175 -22.55 13.01 2.63
CA TYR A 175 -21.22 13.53 2.94
C TYR A 175 -20.89 14.66 1.98
N TYR A 176 -21.09 14.42 0.69
CA TYR A 176 -20.73 15.41 -0.32
C TYR A 176 -21.79 16.46 -0.54
N LYS A 177 -23.06 16.11 -0.32
CA LYS A 177 -24.11 17.11 -0.42
C LYS A 177 -23.88 18.25 0.58
N LYS A 178 -23.47 17.90 1.80
CA LYS A 178 -23.17 18.90 2.81
C LYS A 178 -22.05 19.85 2.40
N LYS A 179 -21.14 19.36 1.56
CA LYS A 179 -20.03 20.18 1.06
C LYS A 179 -20.49 21.11 -0.05
N GLY A 180 -21.67 20.86 -0.59
CA GLY A 180 -22.22 21.70 -1.64
C GLY A 180 -21.70 21.38 -3.02
N ILE A 181 -21.05 20.22 -3.17
CA ILE A 181 -20.43 19.89 -4.46
C ILE A 181 -21.09 18.71 -5.18
N LEU A 182 -22.20 18.22 -4.65
CA LEU A 182 -22.86 17.07 -5.25
C LEU A 182 -23.82 17.51 -6.33
N ARG A 183 -23.74 16.87 -7.48
CA ARG A 183 -24.71 17.06 -8.55
C ARG A 183 -25.23 15.72 -9.00
N ILE A 184 -26.50 15.67 -9.36
CA ILE A 184 -27.12 14.40 -9.71
C ILE A 184 -27.23 14.25 -11.22
N ILE A 185 -26.80 13.09 -11.72
CA ILE A 185 -26.85 12.74 -13.13
C ILE A 185 -27.93 11.68 -13.32
N ASP A 186 -28.77 11.83 -14.35
CA ASP A 186 -29.71 10.78 -14.70
C ASP A 186 -28.99 9.72 -15.52
N ALA A 187 -28.47 8.70 -14.83
CA ALA A 187 -27.63 7.71 -15.46
C ALA A 187 -28.42 6.62 -16.17
N SER A 188 -29.74 6.73 -16.17
CA SER A 188 -30.60 5.74 -16.83
C SER A 188 -30.73 6.00 -18.34
N LYS A 189 -30.27 7.17 -18.77
CA LYS A 189 -30.39 7.61 -20.16
C LYS A 189 -29.29 7.00 -21.04
N PRO A 190 -29.42 7.11 -22.38
CA PRO A 190 -28.36 6.56 -23.24
C PRO A 190 -27.02 7.25 -23.03
N VAL A 191 -25.95 6.58 -23.44
CA VAL A 191 -24.59 7.05 -23.20
C VAL A 191 -24.33 8.50 -23.61
N GLU A 192 -24.77 8.88 -24.81
CA GLU A 192 -24.56 10.24 -25.29
C GLU A 192 -25.26 11.29 -24.41
N GLU A 193 -26.48 10.99 -23.99
CA GLU A 193 -27.25 11.92 -23.16
C GLU A 193 -26.61 12.08 -21.79
N VAL A 194 -26.18 10.97 -21.21
CA VAL A 194 -25.50 11.02 -19.92
C VAL A 194 -24.23 11.87 -20.02
N TYR A 195 -23.48 11.67 -21.10
CA TYR A 195 -22.24 12.41 -21.29
C TYR A 195 -22.48 13.92 -21.39
N ARG A 196 -23.54 14.32 -22.08
CA ARG A 196 -23.88 15.74 -22.17
C ARG A 196 -24.18 16.33 -20.79
N GLN A 197 -24.88 15.58 -19.96
CA GLN A 197 -25.17 16.05 -18.61
C GLN A 197 -23.91 16.12 -17.75
N VAL A 198 -23.01 15.16 -17.91
CA VAL A 198 -21.74 15.20 -17.21
C VAL A 198 -21.02 16.50 -17.55
N LEU A 199 -20.93 16.81 -18.84
CA LEU A 199 -20.23 18.02 -19.26
C LEU A 199 -20.90 19.28 -18.68
N GLU A 200 -22.22 19.29 -18.68
CA GLU A 200 -22.98 20.41 -18.14
C GLU A 200 -22.67 20.65 -16.66
N VAL A 201 -22.69 19.59 -15.86
CA VAL A 201 -22.51 19.76 -14.43
C VAL A 201 -21.09 20.22 -14.05
N ILE A 202 -20.10 19.82 -14.84
CA ILE A 202 -18.73 20.21 -14.52
C ILE A 202 -18.33 21.55 -15.15
N GLY A 203 -19.27 22.17 -15.85
CA GLY A 203 -19.06 23.53 -16.36
C GLY A 203 -18.36 23.56 -17.70
N ASP A 204 -18.42 22.44 -18.41
CA ASP A 204 -17.82 22.37 -19.73
C ASP A 204 -18.84 22.75 -20.79
N GLY A 205 -18.40 23.46 -21.82
CA GLY A 205 -19.28 23.97 -22.85
C GLY A 205 -19.63 22.99 -23.96
N ASN A 206 -19.10 21.77 -23.87
CA ASN A 206 -19.37 20.70 -24.85
C ASN A 206 -19.03 21.11 -26.28
N MET B 1 5.20 -17.76 16.72
CA MET B 1 5.97 -16.70 17.38
C MET B 1 6.18 -15.50 16.46
N ILE B 2 5.99 -14.31 17.02
CA ILE B 2 6.21 -13.07 16.30
C ILE B 2 7.20 -12.23 17.07
N LEU B 3 8.27 -11.84 16.38
CA LEU B 3 9.35 -11.02 16.92
C LEU B 3 9.41 -9.67 16.24
N VAL B 4 9.81 -8.65 17.00
CA VAL B 4 10.16 -7.36 16.43
C VAL B 4 11.56 -7.01 16.87
N PHE B 5 12.40 -6.59 15.93
CA PHE B 5 13.73 -6.08 16.25
C PHE B 5 13.72 -4.57 16.18
N LEU B 6 14.12 -3.93 17.27
N LEU B 6 14.22 -3.93 17.23
CA LEU B 6 14.18 -2.49 17.35
CA LEU B 6 14.14 -2.49 17.36
C LEU B 6 15.61 -2.04 17.55
C LEU B 6 15.51 -1.92 17.73
N GLY B 7 15.93 -0.84 17.07
CA GLY B 7 17.23 -0.27 17.34
C GLY B 7 17.69 0.68 16.26
N PRO B 8 18.80 1.39 16.54
CA PRO B 8 19.30 2.39 15.60
C PRO B 8 19.78 1.74 14.31
N PRO B 9 19.87 2.53 13.23
CA PRO B 9 20.48 1.99 12.01
C PRO B 9 21.91 1.51 12.31
N GLY B 10 22.30 0.39 11.71
CA GLY B 10 23.63 -0.16 11.91
C GLY B 10 23.77 -1.03 13.14
N ALA B 11 22.69 -1.25 13.87
CA ALA B 11 22.74 -2.03 15.11
C ALA B 11 22.99 -3.54 14.87
N GLY B 12 22.72 -4.00 13.66
CA GLY B 12 22.84 -5.41 13.32
C GLY B 12 21.53 -6.20 13.25
N LYS B 13 20.41 -5.49 13.17
CA LYS B 13 19.10 -6.13 13.14
C LYS B 13 18.91 -7.02 11.91
N GLY B 14 19.24 -6.50 10.73
CA GLY B 14 19.14 -7.28 9.50
C GLY B 14 20.02 -8.50 9.51
N THR B 15 21.24 -8.34 10.00
CA THR B 15 22.20 -9.43 10.11
C THR B 15 21.64 -10.59 10.94
N GLN B 16 21.10 -10.26 12.09
CA GLN B 16 20.53 -11.28 12.97
C GLN B 16 19.23 -11.88 12.45
N ALA B 17 18.38 -11.04 11.86
CA ALA B 17 17.11 -11.54 11.32
C ALA B 17 17.38 -12.53 10.19
N LYS B 18 18.39 -12.26 9.37
CA LYS B 18 18.68 -13.13 8.24
C LYS B 18 19.13 -14.48 8.73
N ARG B 19 19.95 -14.48 9.78
CA ARG B 19 20.42 -15.74 10.32
C ARG B 19 19.32 -16.54 10.99
N LEU B 20 18.47 -15.84 11.74
CA LEU B 20 17.37 -16.49 12.45
C LEU B 20 16.41 -17.12 11.44
N ALA B 21 16.18 -16.43 10.33
CA ALA B 21 15.32 -16.93 9.26
C ALA B 21 15.93 -18.19 8.61
N LYS B 22 17.23 -18.13 8.38
CA LYS B 22 17.97 -19.21 7.71
C LYS B 22 18.09 -20.44 8.59
N GLU B 23 18.32 -20.24 9.87
CA GLU B 23 18.66 -21.35 10.77
C GLU B 23 17.48 -21.85 11.60
N LYS B 24 16.53 -20.97 11.92
CA LYS B 24 15.42 -21.34 12.78
C LYS B 24 14.05 -21.28 12.09
N GLY B 25 14.05 -21.07 10.77
CA GLY B 25 12.82 -21.18 9.99
C GLY B 25 11.84 -20.00 9.95
N PHE B 26 12.22 -18.88 10.57
CA PHE B 26 11.34 -17.71 10.60
C PHE B 26 11.11 -17.12 9.22
N VAL B 27 9.94 -16.53 9.03
CA VAL B 27 9.69 -15.69 7.87
C VAL B 27 10.25 -14.31 8.19
N HIS B 28 11.13 -13.80 7.34
CA HIS B 28 11.79 -12.52 7.58
C HIS B 28 11.09 -11.42 6.80
N ILE B 29 10.44 -10.51 7.52
N ILE B 29 10.45 -10.49 7.51
CA ILE B 29 9.82 -9.34 6.93
CA ILE B 29 9.82 -9.36 6.84
C ILE B 29 10.76 -8.16 7.16
C ILE B 29 10.63 -8.09 7.09
N SER B 30 11.49 -7.78 6.12
CA SER B 30 12.35 -6.61 6.17
C SER B 30 11.72 -5.53 5.31
N THR B 31 11.14 -4.52 5.95
CA THR B 31 10.57 -3.42 5.18
C THR B 31 11.61 -2.69 4.34
N GLY B 32 12.83 -2.55 4.86
CA GLY B 32 13.91 -1.98 4.08
C GLY B 32 14.21 -2.75 2.80
N ASP B 33 14.30 -4.07 2.91
CA ASP B 33 14.59 -4.88 1.73
C ASP B 33 13.42 -4.81 0.75
N ILE B 34 12.20 -4.87 1.27
CA ILE B 34 11.01 -4.83 0.42
C ILE B 34 10.93 -3.48 -0.32
N LEU B 35 11.20 -2.41 0.40
CA LEU B 35 11.15 -1.08 -0.20
C LEU B 35 12.28 -0.89 -1.22
N ARG B 36 13.47 -1.38 -0.89
CA ARG B 36 14.57 -1.26 -1.85
C ARG B 36 14.26 -1.99 -3.15
N GLU B 37 13.63 -3.16 -3.05
N GLU B 37 13.64 -3.16 -3.04
CA GLU B 37 13.24 -3.91 -4.23
CA GLU B 37 13.22 -3.92 -4.21
C GLU B 37 12.14 -3.20 -5.01
C GLU B 37 12.15 -3.19 -5.00
N ALA B 38 11.19 -2.61 -4.28
CA ALA B 38 10.12 -1.83 -4.90
C ALA B 38 10.66 -0.64 -5.69
N VAL B 39 11.63 0.07 -5.10
CA VAL B 39 12.25 1.20 -5.79
C VAL B 39 12.94 0.74 -7.08
N GLN B 40 13.67 -0.37 -6.99
N GLN B 40 13.67 -0.37 -7.00
CA GLN B 40 14.40 -0.90 -8.14
CA GLN B 40 14.39 -0.89 -8.16
C GLN B 40 13.45 -1.31 -9.27
C GLN B 40 13.42 -1.26 -9.28
N LYS B 41 12.31 -1.88 -8.90
CA LYS B 41 11.33 -2.33 -9.88
C LYS B 41 10.40 -1.22 -10.37
N GLY B 42 10.40 -0.10 -9.66
CA GLY B 42 9.56 1.03 -10.04
C GLY B 42 8.06 0.82 -9.86
N THR B 43 7.69 0.09 -8.81
CA THR B 43 6.27 -0.13 -8.51
C THR B 43 5.67 1.16 -7.97
N PRO B 44 4.33 1.24 -7.90
CA PRO B 44 3.75 2.46 -7.31
C PRO B 44 4.27 2.74 -5.91
N LEU B 45 4.44 1.71 -5.09
CA LEU B 45 5.02 1.90 -3.77
C LEU B 45 6.45 2.42 -3.89
N GLY B 46 7.24 1.78 -4.75
CA GLY B 46 8.64 2.13 -4.91
C GLY B 46 8.85 3.56 -5.36
N LYS B 47 8.04 4.00 -6.31
CA LYS B 47 8.19 5.36 -6.83
C LYS B 47 7.83 6.41 -5.79
N LYS B 48 6.86 6.11 -4.95
CA LYS B 48 6.46 7.05 -3.91
C LYS B 48 7.46 7.03 -2.75
N ALA B 49 8.01 5.85 -2.46
CA ALA B 49 8.92 5.68 -1.33
C ALA B 49 10.30 6.29 -1.55
N LYS B 50 10.73 6.32 -2.81
CA LYS B 50 12.12 6.62 -3.17
C LYS B 50 12.67 7.89 -2.56
N GLU B 51 11.90 8.97 -2.66
CA GLU B 51 12.38 10.27 -2.21
C GLU B 51 12.53 10.33 -0.69
N TYR B 52 11.63 9.68 0.04
CA TYR B 52 11.77 9.63 1.50
C TYR B 52 13.05 8.91 1.86
N MET B 53 13.23 7.73 1.27
CA MET B 53 14.40 6.89 1.54
C MET B 53 15.71 7.60 1.24
N GLU B 54 15.72 8.36 0.16
CA GLU B 54 16.93 9.04 -0.27
C GLU B 54 17.30 10.15 0.71
N ARG B 55 16.30 10.74 1.35
CA ARG B 55 16.54 11.80 2.33
C ARG B 55 16.83 11.22 3.72
N GLY B 56 16.67 9.92 3.87
CA GLY B 56 16.89 9.28 5.15
C GLY B 56 15.66 9.39 6.04
N GLU B 57 14.54 9.79 5.44
CA GLU B 57 13.27 9.90 6.16
C GLU B 57 12.50 8.60 6.08
N LEU B 58 11.54 8.46 6.99
CA LEU B 58 10.60 7.35 6.92
C LEU B 58 9.60 7.51 5.79
N VAL B 59 9.28 6.41 5.13
CA VAL B 59 8.16 6.37 4.20
C VAL B 59 6.87 6.55 5.01
N PRO B 60 5.89 7.30 4.47
CA PRO B 60 4.65 7.53 5.22
C PRO B 60 3.96 6.27 5.75
N ASP B 61 3.42 6.39 6.95
CA ASP B 61 2.79 5.27 7.64
C ASP B 61 1.72 4.53 6.81
N ASP B 62 0.88 5.24 6.08
N ASP B 62 0.91 5.29 6.07
CA ASP B 62 -0.22 4.54 5.42
CA ASP B 62 -0.19 4.69 5.34
C ASP B 62 0.25 3.67 4.24
C ASP B 62 0.32 3.63 4.37
N LEU B 63 1.44 3.93 3.72
CA LEU B 63 1.96 3.06 2.67
C LEU B 63 2.50 1.80 3.31
N ILE B 64 3.15 1.97 4.46
CA ILE B 64 3.83 0.87 5.14
C ILE B 64 2.81 -0.05 5.80
N ILE B 65 1.78 0.52 6.40
CA ILE B 65 0.73 -0.27 7.03
C ILE B 65 0.04 -1.13 5.98
N ALA B 66 -0.25 -0.56 4.81
CA ALA B 66 -0.86 -1.33 3.72
C ALA B 66 0.05 -2.46 3.29
N LEU B 67 1.35 -2.17 3.16
CA LEU B 67 2.32 -3.17 2.76
C LEU B 67 2.33 -4.35 3.72
N ILE B 68 2.36 -4.06 5.01
CA ILE B 68 2.41 -5.12 6.01
C ILE B 68 1.12 -5.96 6.00
N GLU B 69 -0.02 -5.28 5.86
N GLU B 69 -0.03 -5.29 5.86
CA GLU B 69 -1.30 -5.98 5.70
CA GLU B 69 -1.29 -6.02 5.72
C GLU B 69 -1.22 -6.96 4.54
C GLU B 69 -1.25 -6.96 4.52
N GLU B 70 -0.61 -6.53 3.44
CA GLU B 70 -0.52 -7.36 2.23
C GLU B 70 0.42 -8.55 2.36
N VAL B 71 1.53 -8.37 3.07
CA VAL B 71 2.58 -9.39 3.07
C VAL B 71 2.65 -10.25 4.33
N PHE B 72 1.85 -9.93 5.34
CA PHE B 72 1.91 -10.74 6.55
C PHE B 72 1.48 -12.16 6.24
N PRO B 73 2.32 -13.15 6.58
CA PRO B 73 1.95 -14.53 6.21
C PRO B 73 0.85 -15.11 7.08
N LYS B 74 0.02 -15.92 6.45
CA LYS B 74 -1.07 -16.62 7.11
C LYS B 74 -0.50 -17.66 8.08
N HIS B 75 0.66 -18.20 7.75
N HIS B 75 0.67 -18.19 7.76
CA HIS B 75 1.31 -19.20 8.60
CA HIS B 75 1.30 -19.18 8.62
C HIS B 75 2.79 -18.91 8.81
C HIS B 75 2.80 -18.93 8.80
N GLY B 76 3.34 -19.44 9.90
CA GLY B 76 4.77 -19.33 10.16
C GLY B 76 5.13 -18.41 11.29
N ASN B 77 6.33 -18.59 11.83
CA ASN B 77 6.91 -17.64 12.77
C ASN B 77 7.46 -16.47 11.97
N VAL B 78 7.33 -15.27 12.52
CA VAL B 78 7.69 -14.06 11.79
C VAL B 78 8.67 -13.18 12.54
N ILE B 79 9.71 -12.71 11.85
CA ILE B 79 10.54 -11.61 12.35
C ILE B 79 10.24 -10.33 11.59
N PHE B 80 9.71 -9.35 12.30
CA PHE B 80 9.55 -8.00 11.75
C PHE B 80 10.84 -7.25 12.01
N ASP B 81 11.50 -6.87 10.92
CA ASP B 81 12.84 -6.33 10.98
C ASP B 81 12.82 -4.97 10.29
N GLY B 82 12.73 -3.91 11.07
CA GLY B 82 12.57 -2.58 10.52
C GLY B 82 11.12 -2.10 10.52
N PHE B 83 10.23 -2.93 11.04
CA PHE B 83 8.84 -2.55 11.26
C PHE B 83 8.43 -3.08 12.62
N PRO B 84 7.64 -2.31 13.40
CA PRO B 84 7.19 -0.93 13.14
C PRO B 84 8.32 0.08 13.39
N ARG B 85 8.19 1.25 12.78
CA ARG B 85 9.17 2.33 12.92
C ARG B 85 8.57 3.56 13.58
N THR B 86 7.25 3.58 13.73
CA THR B 86 6.56 4.69 14.38
C THR B 86 5.49 4.13 15.32
N VAL B 87 5.02 4.96 16.25
CA VAL B 87 3.93 4.58 17.14
C VAL B 87 2.67 4.19 16.35
N LYS B 88 2.32 4.96 15.33
CA LYS B 88 1.15 4.61 14.52
C LYS B 88 1.30 3.24 13.86
N GLN B 89 2.51 2.92 13.39
CA GLN B 89 2.74 1.59 12.82
C GLN B 89 2.57 0.48 13.86
N ALA B 90 3.07 0.73 15.07
CA ALA B 90 2.95 -0.26 16.15
C ALA B 90 1.50 -0.47 16.55
N GLU B 91 0.72 0.61 16.59
CA GLU B 91 -0.69 0.53 16.94
C GLU B 91 -1.43 -0.28 15.87
N ALA B 92 -1.06 -0.04 14.61
CA ALA B 92 -1.69 -0.76 13.50
C ALA B 92 -1.34 -2.23 13.57
N LEU B 93 -0.08 -2.53 13.87
CA LEU B 93 0.35 -3.92 14.01
C LEU B 93 -0.41 -4.64 15.14
N ASP B 94 -0.55 -3.99 16.28
N ASP B 94 -0.55 -3.96 16.27
CA ASP B 94 -1.28 -4.60 17.38
CA ASP B 94 -1.29 -4.48 17.41
C ASP B 94 -2.71 -4.94 16.97
C ASP B 94 -2.69 -4.90 17.01
N GLU B 95 -3.37 -4.02 16.26
CA GLU B 95 -4.74 -4.28 15.83
C GLU B 95 -4.81 -5.40 14.80
N MET B 96 -3.86 -5.42 13.88
N MET B 96 -3.87 -5.41 13.86
CA MET B 96 -3.79 -6.46 12.85
CA MET B 96 -3.79 -6.48 12.86
C MET B 96 -3.62 -7.84 13.50
C MET B 96 -3.68 -7.83 13.56
N LEU B 97 -2.76 -7.91 14.51
CA LEU B 97 -2.52 -9.16 15.21
C LEU B 97 -3.72 -9.60 16.05
N GLU B 98 -4.36 -8.64 16.72
CA GLU B 98 -5.52 -8.96 17.53
C GLU B 98 -6.58 -9.65 16.67
N LYS B 99 -6.76 -9.14 15.46
CA LYS B 99 -7.81 -9.66 14.57
C LYS B 99 -7.50 -11.07 14.10
N LYS B 100 -6.23 -11.46 14.17
CA LYS B 100 -5.80 -12.81 13.81
C LYS B 100 -5.60 -13.69 15.03
N GLY B 101 -5.88 -13.18 16.22
CA GLY B 101 -5.68 -13.93 17.45
C GLY B 101 -4.20 -14.12 17.80
N LEU B 102 -3.35 -13.24 17.27
CA LEU B 102 -1.92 -13.33 17.48
C LEU B 102 -1.45 -12.14 18.28
N LYS B 103 -0.14 -12.09 18.54
CA LYS B 103 0.42 -10.97 19.29
C LYS B 103 1.90 -10.91 19.04
N VAL B 104 2.51 -9.77 19.31
CA VAL B 104 3.95 -9.70 19.33
C VAL B 104 4.43 -10.40 20.59
N ASP B 105 5.28 -11.41 20.43
CA ASP B 105 5.76 -12.19 21.56
C ASP B 105 7.02 -11.60 22.22
N HIS B 106 7.93 -11.07 21.43
CA HIS B 106 9.14 -10.48 21.99
C HIS B 106 9.55 -9.30 21.14
N VAL B 107 9.99 -8.24 21.80
CA VAL B 107 10.57 -7.10 21.11
C VAL B 107 11.98 -6.97 21.64
N LEU B 108 12.94 -7.08 20.74
CA LEU B 108 14.35 -7.05 21.12
C LEU B 108 14.92 -5.69 20.76
N LEU B 109 15.34 -4.94 21.78
CA LEU B 109 16.02 -3.66 21.56
C LEU B 109 17.50 -3.93 21.43
N PHE B 110 18.05 -3.62 20.26
CA PHE B 110 19.47 -3.77 20.01
C PHE B 110 20.19 -2.54 20.57
N GLU B 111 20.68 -2.64 21.80
CA GLU B 111 21.30 -1.51 22.47
C GLU B 111 22.77 -1.41 22.12
N VAL B 112 23.16 -0.27 21.54
CA VAL B 112 24.53 -0.06 21.07
C VAL B 112 24.82 1.43 20.94
N PRO B 113 26.04 1.86 21.34
CA PRO B 113 26.36 3.30 21.26
C PRO B 113 26.33 3.86 19.83
N ASP B 114 25.94 5.14 19.72
CA ASP B 114 25.82 5.78 18.41
C ASP B 114 27.13 5.74 17.66
N GLU B 115 28.22 5.95 18.39
CA GLU B 115 29.54 5.95 17.80
C GLU B 115 29.84 4.62 17.11
N VAL B 116 29.37 3.52 17.71
CA VAL B 116 29.64 2.19 17.19
C VAL B 116 28.90 1.93 15.87
N VAL B 117 27.62 2.31 15.81
CA VAL B 117 26.85 2.06 14.59
C VAL B 117 27.29 2.96 13.43
N ILE B 118 27.66 4.20 13.74
CA ILE B 118 28.20 5.10 12.75
C ILE B 118 29.46 4.49 12.10
N GLU B 119 30.33 3.93 12.93
CA GLU B 119 31.53 3.29 12.41
C GLU B 119 31.18 2.10 11.52
N ARG B 120 30.21 1.30 11.94
CA ARG B 120 29.80 0.14 11.16
C ARG B 120 29.31 0.53 9.77
N LEU B 121 28.46 1.56 9.73
CA LEU B 121 27.87 1.99 8.47
C LEU B 121 28.85 2.80 7.61
N SER B 122 29.52 3.78 8.22
CA SER B 122 30.40 4.66 7.47
C SER B 122 31.60 3.94 6.87
N GLY B 123 32.10 2.93 7.58
CA GLY B 123 33.31 2.25 7.15
C GLY B 123 33.03 1.11 6.19
N ARG B 124 31.76 0.90 5.88
CA ARG B 124 31.39 -0.21 5.03
C ARG B 124 31.72 0.02 3.55
N ARG B 125 32.30 -1.00 2.92
CA ARG B 125 32.58 -0.96 1.49
C ARG B 125 32.03 -2.24 0.83
N ILE B 126 31.49 -2.09 -0.37
CA ILE B 126 30.85 -3.21 -1.07
C ILE B 126 31.52 -3.48 -2.40
N ASN B 127 31.63 -4.76 -2.77
CA ASN B 127 32.11 -5.14 -4.09
C ASN B 127 30.98 -5.09 -5.12
N PRO B 128 31.04 -4.12 -6.04
CA PRO B 128 30.02 -3.91 -7.07
C PRO B 128 29.72 -5.19 -7.84
N GLU B 129 30.78 -5.95 -8.14
CA GLU B 129 30.65 -7.16 -8.92
C GLU B 129 29.88 -8.27 -8.21
N THR B 130 30.33 -8.63 -7.00
CA THR B 130 29.76 -9.78 -6.30
C THR B 130 28.77 -9.42 -5.19
N GLY B 131 29.04 -8.34 -4.47
CA GLY B 131 28.21 -7.95 -3.35
C GLY B 131 28.82 -8.36 -2.03
N GLU B 132 30.07 -8.81 -2.07
CA GLU B 132 30.83 -9.14 -0.87
C GLU B 132 31.03 -7.88 -0.03
N VAL B 133 30.58 -7.93 1.22
CA VAL B 133 30.66 -6.77 2.11
C VAL B 133 32.01 -6.71 2.82
N TYR B 134 32.62 -5.53 2.81
CA TYR B 134 33.89 -5.32 3.51
C TYR B 134 33.82 -4.12 4.46
N HIS B 135 34.90 -3.87 5.18
CA HIS B 135 34.98 -2.73 6.08
C HIS B 135 36.41 -2.22 6.15
N VAL B 136 36.58 -0.91 5.94
CA VAL B 136 37.91 -0.31 5.79
C VAL B 136 38.85 -0.57 6.96
N LYS B 137 38.29 -0.88 8.13
CA LYS B 137 39.10 -1.10 9.31
C LYS B 137 39.16 -2.57 9.70
N TYR B 138 37.99 -3.19 9.85
CA TYR B 138 37.89 -4.54 10.40
C TYR B 138 37.97 -5.66 9.37
N ASN B 139 37.55 -5.38 8.14
CA ASN B 139 37.61 -6.39 7.10
C ASN B 139 37.92 -5.78 5.73
N PRO B 140 39.14 -5.20 5.59
CA PRO B 140 39.52 -4.46 4.38
C PRO B 140 39.51 -5.34 3.14
N PRO B 141 39.17 -4.76 1.99
CA PRO B 141 39.15 -5.51 0.72
C PRO B 141 40.54 -6.06 0.40
N PRO B 142 40.61 -7.31 -0.05
CA PRO B 142 41.88 -7.92 -0.48
C PRO B 142 42.44 -7.22 -1.70
N PRO B 143 43.73 -7.43 -2.02
CA PRO B 143 44.33 -6.83 -3.22
C PRO B 143 43.57 -7.25 -4.47
N GLY B 144 43.45 -6.34 -5.43
CA GLY B 144 42.79 -6.65 -6.69
C GLY B 144 41.29 -6.47 -6.68
N VAL B 145 40.76 -6.01 -5.55
CA VAL B 145 39.30 -5.85 -5.42
C VAL B 145 38.89 -4.39 -5.31
N LYS B 146 38.18 -3.91 -6.32
CA LYS B 146 37.63 -2.55 -6.26
C LYS B 146 36.29 -2.54 -5.54
N VAL B 147 36.14 -1.58 -4.63
CA VAL B 147 34.95 -1.48 -3.80
C VAL B 147 34.34 -0.09 -3.86
N ILE B 148 33.08 0.03 -3.43
CA ILE B 148 32.39 1.31 -3.42
C ILE B 148 31.79 1.58 -2.05
N GLN B 149 31.46 2.85 -1.79
CA GLN B 149 30.68 3.21 -0.62
C GLN B 149 29.24 3.45 -1.01
N ARG B 150 28.32 2.77 -0.34
CA ARG B 150 26.89 2.91 -0.60
C ARG B 150 26.39 4.32 -0.29
N GLU B 151 25.38 4.76 -1.04
CA GLU B 151 24.81 6.09 -0.86
C GLU B 151 24.20 6.27 0.53
N ASP B 152 23.59 5.21 1.07
CA ASP B 152 22.95 5.29 2.37
C ASP B 152 23.94 5.21 3.52
N ASP B 153 25.20 4.91 3.21
CA ASP B 153 26.26 4.86 4.23
C ASP B 153 27.06 6.17 4.26
N LYS B 154 26.59 7.17 3.52
CA LYS B 154 27.24 8.47 3.48
C LYS B 154 26.79 9.33 4.66
N PRO B 155 27.61 10.33 5.05
CA PRO B 155 27.40 11.00 6.35
C PRO B 155 26.06 11.66 6.60
N GLU B 156 25.56 12.47 5.66
CA GLU B 156 24.32 13.20 5.88
C GLU B 156 23.14 12.25 6.07
N VAL B 157 23.11 11.19 5.27
CA VAL B 157 22.00 10.24 5.36
C VAL B 157 22.06 9.41 6.64
N ILE B 158 23.26 8.99 7.03
CA ILE B 158 23.42 8.28 8.29
C ILE B 158 22.96 9.16 9.44
N LYS B 159 23.42 10.41 9.42
CA LYS B 159 23.02 11.37 10.43
C LYS B 159 21.51 11.54 10.49
N LYS B 160 20.86 11.66 9.34
CA LYS B 160 19.41 11.82 9.32
C LYS B 160 18.71 10.55 9.80
N ARG B 161 19.17 9.38 9.34
CA ARG B 161 18.57 8.12 9.78
C ARG B 161 18.65 7.98 11.30
N LEU B 162 19.76 8.42 11.90
CA LEU B 162 19.87 8.37 13.35
C LEU B 162 18.93 9.37 14.04
N GLU B 163 18.87 10.58 13.49
CA GLU B 163 17.94 11.60 13.99
C GLU B 163 16.51 11.08 13.93
N VAL B 164 16.15 10.46 12.81
CA VAL B 164 14.81 9.92 12.61
C VAL B 164 14.53 8.79 13.61
N TYR B 165 15.51 7.92 13.82
CA TYR B 165 15.37 6.86 14.82
C TYR B 165 15.08 7.45 16.20
N ARG B 166 15.90 8.41 16.63
N ARG B 166 15.86 8.45 16.61
CA ARG B 166 15.75 8.99 17.95
CA ARG B 166 15.65 9.10 17.91
C ARG B 166 14.40 9.70 18.13
C ARG B 166 14.28 9.77 18.03
N GLU B 167 13.92 10.34 17.07
N GLU B 167 13.85 10.45 16.98
CA GLU B 167 12.67 11.09 17.12
CA GLU B 167 12.60 11.19 17.03
C GLU B 167 11.41 10.22 17.03
C GLU B 167 11.35 10.32 16.94
N GLN B 168 11.35 9.36 16.01
CA GLN B 168 10.12 8.63 15.68
C GLN B 168 10.07 7.18 16.15
N THR B 169 11.22 6.53 16.22
CA THR B 169 11.27 5.09 16.46
C THR B 169 11.56 4.75 17.91
N ALA B 170 12.50 5.48 18.54
CA ALA B 170 12.81 5.23 19.94
C ALA B 170 11.62 5.30 20.93
N PRO B 171 10.58 6.11 20.64
CA PRO B 171 9.39 6.03 21.50
C PRO B 171 8.74 4.64 21.57
N LEU B 172 9.07 3.76 20.64
CA LEU B 172 8.51 2.41 20.69
C LEU B 172 9.08 1.60 21.83
N ILE B 173 10.23 2.02 22.35
CA ILE B 173 10.85 1.25 23.43
C ILE B 173 9.94 1.29 24.66
N GLU B 174 9.49 2.46 25.04
CA GLU B 174 8.54 2.56 26.14
C GLU B 174 7.18 1.92 25.82
N TYR B 175 6.73 2.06 24.57
CA TYR B 175 5.49 1.46 24.10
C TYR B 175 5.51 -0.02 24.40
N TYR B 176 6.60 -0.67 24.06
CA TYR B 176 6.68 -2.11 24.25
C TYR B 176 7.09 -2.51 25.66
N LYS B 177 7.86 -1.66 26.34
CA LYS B 177 8.19 -1.92 27.74
C LYS B 177 6.91 -2.08 28.58
N LYS B 178 5.93 -1.21 28.33
CA LYS B 178 4.67 -1.24 29.06
C LYS B 178 3.89 -2.54 28.85
N LYS B 179 4.12 -3.17 27.69
CA LYS B 179 3.40 -4.39 27.35
C LYS B 179 4.07 -5.61 27.97
N GLY B 180 5.24 -5.41 28.54
CA GLY B 180 5.98 -6.45 29.24
C GLY B 180 6.79 -7.37 28.33
N ILE B 181 6.96 -6.99 27.07
CA ILE B 181 7.58 -7.89 26.09
C ILE B 181 8.93 -7.40 25.58
N LEU B 182 9.43 -6.32 26.17
CA LEU B 182 10.71 -5.74 25.74
C LEU B 182 11.87 -6.44 26.43
N ARG B 183 12.86 -6.86 25.66
CA ARG B 183 14.10 -7.36 26.21
C ARG B 183 15.25 -6.66 25.53
N ILE B 184 16.32 -6.41 26.29
CA ILE B 184 17.48 -5.71 25.75
C ILE B 184 18.54 -6.69 25.27
N ILE B 185 19.09 -6.41 24.10
CA ILE B 185 20.22 -7.15 23.55
C ILE B 185 21.42 -6.22 23.57
N ASP B 186 22.58 -6.71 24.00
CA ASP B 186 23.80 -5.91 23.89
C ASP B 186 24.33 -6.05 22.47
N ALA B 187 23.94 -5.12 21.61
CA ALA B 187 24.27 -5.19 20.19
C ALA B 187 25.68 -4.71 19.86
N SER B 188 26.44 -4.34 20.89
CA SER B 188 27.82 -3.88 20.69
C SER B 188 28.79 -5.05 20.62
N LYS B 189 28.32 -6.24 21.02
CA LYS B 189 29.16 -7.44 21.05
C LYS B 189 29.40 -7.96 19.64
N PRO B 190 30.36 -8.89 19.47
CA PRO B 190 30.55 -9.54 18.17
C PRO B 190 29.29 -10.25 17.69
N VAL B 191 29.22 -10.52 16.39
N VAL B 191 29.22 -10.49 16.38
CA VAL B 191 27.99 -11.01 15.77
CA VAL B 191 28.02 -11.04 15.74
C VAL B 191 27.51 -12.37 16.31
C VAL B 191 27.52 -12.33 16.37
N GLU B 192 28.44 -13.26 16.63
CA GLU B 192 28.06 -14.55 17.18
C GLU B 192 27.51 -14.43 18.59
N GLU B 193 28.08 -13.52 19.38
CA GLU B 193 27.63 -13.31 20.75
C GLU B 193 26.23 -12.69 20.76
N VAL B 194 26.00 -11.76 19.83
CA VAL B 194 24.67 -11.16 19.71
C VAL B 194 23.64 -12.21 19.35
N TYR B 195 23.98 -13.09 18.41
CA TYR B 195 23.06 -14.12 17.96
C TYR B 195 22.71 -15.08 19.09
N ARG B 196 23.70 -15.46 19.87
CA ARG B 196 23.45 -16.28 21.06
C ARG B 196 22.46 -15.61 22.00
N GLN B 197 22.64 -14.31 22.25
CA GLN B 197 21.73 -13.59 23.13
C GLN B 197 20.32 -13.46 22.56
N VAL B 198 20.22 -13.27 21.24
CA VAL B 198 18.92 -13.28 20.57
C VAL B 198 18.20 -14.61 20.87
N LEU B 199 18.91 -15.72 20.69
CA LEU B 199 18.30 -17.03 20.93
C LEU B 199 17.86 -17.17 22.39
N GLU B 200 18.71 -16.74 23.32
CA GLU B 200 18.39 -16.87 24.74
C GLU B 200 17.11 -16.11 25.06
N VAL B 201 16.99 -14.90 24.53
CA VAL B 201 15.85 -14.05 24.81
C VAL B 201 14.52 -14.63 24.28
N ILE B 202 14.56 -15.23 23.10
CA ILE B 202 13.32 -15.74 22.52
C ILE B 202 12.96 -17.13 23.03
N GLY B 203 13.82 -17.66 23.91
CA GLY B 203 13.53 -18.92 24.57
C GLY B 203 13.96 -20.11 23.75
N ASP B 204 14.90 -19.88 22.84
CA ASP B 204 15.48 -20.95 22.06
C ASP B 204 16.69 -21.51 22.80
N GLY B 205 16.88 -22.82 22.71
CA GLY B 205 17.88 -23.50 23.51
C GLY B 205 19.31 -23.41 23.04
N ASN B 206 19.52 -22.76 21.89
CA ASN B 206 20.87 -22.69 21.32
C ASN B 206 21.54 -21.32 21.37
P AMP C . -15.69 -1.64 -9.69
O1P AMP C . -15.44 -0.19 -9.33
O2P AMP C . -17.08 -2.14 -9.40
O3P AMP C . -15.14 -2.06 -11.02
O5' AMP C . -14.77 -2.42 -8.65
C5' AMP C . -14.66 -3.85 -8.67
C4' AMP C . -14.32 -4.35 -7.29
O4' AMP C . -13.05 -3.78 -6.86
C3' AMP C . -15.29 -3.91 -6.19
O3' AMP C . -16.44 -4.72 -6.12
C2' AMP C . -14.42 -3.96 -4.94
O2' AMP C . -14.19 -5.31 -4.54
C1' AMP C . -13.10 -3.44 -5.50
N9 AMP C . -13.01 -1.97 -5.41
C8 AMP C . -13.01 -1.10 -6.43
N7 AMP C . -12.87 0.17 -5.99
C5 AMP C . -12.79 0.11 -4.64
C6 AMP C . -12.64 1.07 -3.54
N6 AMP C . -12.55 2.41 -3.79
N1 AMP C . -12.60 0.57 -2.28
C2 AMP C . -12.67 -0.74 -2.00
N3 AMP C . -12.81 -1.68 -2.96
C4 AMP C . -12.88 -1.30 -4.26
PB ADP D . -19.75 1.09 -13.88
O1B ADP D . -19.92 -0.26 -13.23
O2B ADP D . -18.31 1.55 -14.16
O3B ADP D . -20.56 2.18 -13.22
PA ADP D . -19.84 0.60 -16.77
O1A ADP D . -18.93 -0.58 -16.71
O2A ADP D . -19.40 1.88 -17.39
O3A ADP D . -20.48 0.93 -15.32
O5' ADP D . -21.18 0.18 -17.53
C5' ADP D . -21.86 -1.02 -17.14
C4' ADP D . -22.38 -1.75 -18.38
O4' ADP D . -23.43 -0.97 -18.96
C3' ADP D . -21.33 -1.92 -19.47
O3' ADP D . -21.63 -3.16 -20.12
C2' ADP D . -21.58 -0.79 -20.46
O2' ADP D . -21.31 -1.20 -21.80
C1' ADP D . -23.06 -0.51 -20.27
N9 ADP D . -23.46 0.90 -20.24
C8 ADP D . -22.78 1.94 -19.68
N7 ADP D . -23.49 3.09 -19.79
C5 ADP D . -24.66 2.78 -20.39
C6 ADP D . -25.87 3.52 -20.81
N6 ADP D . -25.97 4.85 -20.58
N1 ADP D . -26.86 2.82 -21.41
C2 ADP D . -26.75 1.49 -21.63
N3 ADP D . -25.68 0.75 -21.28
C4 ADP D . -24.63 1.35 -20.67
P AMP E . 16.02 0.01 6.86
O1P AMP E . 14.96 -0.70 7.67
O2P AMP E . 16.87 -0.90 6.00
O3P AMP E . 16.80 1.04 7.63
O5' AMP E . 15.13 0.84 5.82
C5' AMP E . 15.71 1.72 4.86
C4' AMP E . 14.80 2.91 4.60
O4' AMP E . 13.51 2.43 4.13
C3' AMP E . 14.46 3.76 5.82
O3' AMP E . 15.44 4.72 6.13
C2' AMP E . 13.12 4.37 5.41
O2' AMP E . 13.30 5.38 4.44
C1' AMP E . 12.47 3.18 4.73
N9 AMP E . 11.76 2.29 5.67
C8 AMP E . 12.08 1.02 5.99
N7 AMP E . 11.20 0.48 6.86
C5 AMP E . 10.28 1.44 7.11
C6 AMP E . 9.07 1.57 7.96
N6 AMP E . 8.66 0.53 8.74
N1 AMP E . 8.39 2.73 7.93
C2 AMP E . 8.78 3.78 7.16
N3 AMP E . 9.89 3.74 6.38
C4 AMP E . 10.65 2.63 6.32
PB ADP F . 20.69 -2.72 10.70
O1B ADP F . 20.82 -1.32 10.14
O2B ADP F . 19.91 -3.69 9.83
O3B ADP F . 20.31 -2.76 12.16
PA ADP F . 22.81 -4.39 9.69
O1A ADP F . 22.47 -5.77 10.17
O2A ADP F . 22.56 -4.00 8.26
O3A ADP F . 22.21 -3.25 10.69
O5' ADP F . 24.37 -4.19 10.02
C5' ADP F . 25.06 -3.03 9.60
C4' ADP F . 26.53 -3.37 9.30
O4' ADP F . 27.21 -3.74 10.51
C3' ADP F . 26.67 -4.54 8.35
O3' ADP F . 27.81 -4.28 7.53
C2' ADP F . 26.94 -5.72 9.26
O2' ADP F . 27.72 -6.72 8.60
C1' ADP F . 27.68 -5.09 10.43
N9 ADP F . 27.40 -5.74 11.73
C8 ADP F . 26.24 -6.31 12.10
N7 ADP F . 26.32 -6.80 13.37
C5 ADP F . 27.56 -6.53 13.82
C6 ADP F . 28.30 -6.76 15.07
N6 ADP F . 27.73 -7.39 16.13
N1 ADP F . 29.58 -6.32 15.13
C2 ADP F . 30.16 -5.69 14.09
N3 ADP F . 29.54 -5.44 12.93
C4 ADP F . 28.26 -5.84 12.74
#